data_3OXE
#
_entry.id   3OXE
#
_cell.length_a   83.708
_cell.length_b   83.708
_cell.length_c   198.958
_cell.angle_alpha   90.00
_cell.angle_beta   90.00
_cell.angle_gamma   120.00
#
_symmetry.space_group_name_H-M   'P 32 2 1'
#
loop_
_entity.id
_entity.type
_entity.pdbx_description
1 polymer 'domain II of glycine riboswitch'
2 polymer 'domain II of glycine riboswitch'
3 non-polymer GLYCINE
4 non-polymer 'MANGANESE (II) ION'
5 non-polymer 'MAGNESIUM ION'
6 water water
#
loop_
_entity_poly.entity_id
_entity_poly.type
_entity_poly.pdbx_seq_one_letter_code
_entity_poly.pdbx_strand_id
1 'polyribonucleotide'
;(GDP)GCUCUGGAGAGAACCGUUUAAUCGGUCGCCGAAGGAGCAAGCUCUGCGGAAACGCAGAGUGAAACUCUCAGGCAA
AAGGACAGAGU(CCC)
;
A
2 'polyribonucleotide'
;GGCUCUGGAGAGAACCGUUUAAUCGGUCGCCGAAGGAGCAAGCUCUGCGGAAACGCAGAGUGAAACUCUCAGGCAAAAGG
ACAGAGU(CCC)
;
B
#
loop_
_chem_comp.id
_chem_comp.type
_chem_comp.name
_chem_comp.formula
A RNA linking ADENOSINE-5'-MONOPHOSPHATE 'C10 H14 N5 O7 P'
C RNA linking CYTIDINE-5'-MONOPHOSPHATE 'C9 H14 N3 O8 P'
CCC RNA linking 'CYTIDINE-5'-PHOSPHATE-2',3'-CYCLIC PHOSPHATE' 'C9 H13 N3 O10 P2'
G RNA linking GUANOSINE-5'-MONOPHOSPHATE 'C10 H14 N5 O8 P'
GDP RNA linking GUANOSINE-5'-DIPHOSPHATE 'C10 H15 N5 O11 P2'
MG non-polymer 'MAGNESIUM ION' 'Mg 2'
MN non-polymer 'MANGANESE (II) ION' 'Mn 2'
U RNA linking URIDINE-5'-MONOPHOSPHATE 'C9 H13 N2 O9 P'
#
# COMPACT_ATOMS: atom_id res chain seq x y z
PB GDP A 1 2.97 -8.27 4.71
O1B GDP A 1 3.08 -8.05 6.20
O2B GDP A 1 3.52 -9.62 4.32
O3B GDP A 1 3.74 -7.07 3.94
O3A GDP A 1 1.44 -8.12 4.23
PA GDP A 1 0.98 -8.61 2.76
O1A GDP A 1 1.95 -8.09 1.73
O2A GDP A 1 -0.42 -8.15 2.45
O5' GDP A 1 1.08 -10.22 2.85
C5' GDP A 1 0.40 -11.03 1.91
C4' GDP A 1 0.10 -12.42 2.48
O4' GDP A 1 0.44 -12.53 3.84
C3' GDP A 1 -1.39 -12.72 2.44
O3' GDP A 1 -1.80 -13.28 1.20
C2' GDP A 1 -1.67 -13.66 3.60
O2' GDP A 1 -1.34 -15.00 3.27
C1' GDP A 1 -0.64 -13.10 4.58
N9 GDP A 1 -1.28 -12.09 5.45
C8 GDP A 1 -0.89 -10.79 5.61
N7 GDP A 1 -1.73 -10.19 6.49
C5 GDP A 1 -2.65 -11.07 6.89
C6 GDP A 1 -3.73 -10.97 7.77
O6 GDP A 1 -3.96 -9.92 8.34
N1 GDP A 1 -4.53 -12.08 7.99
C2 GDP A 1 -4.25 -13.27 7.35
N2 GDP A 1 -5.02 -14.34 7.57
N3 GDP A 1 -3.18 -13.37 6.48
C4 GDP A 1 -2.39 -12.29 6.25
PC CCC A 88 -9.22 -16.52 13.34
O1C CCC A 88 -8.58 -16.91 14.66
O2C CCC A 88 -9.31 -17.71 12.40
P CCC A 88 -12.31 -10.68 14.58
OP1 CCC A 88 -13.06 -11.32 15.72
OP2 CCC A 88 -11.22 -9.67 14.87
O5' CCC A 88 -11.68 -11.84 13.65
C5' CCC A 88 -12.45 -12.96 13.20
C4' CCC A 88 -11.54 -13.95 12.48
O4' CCC A 88 -10.83 -13.25 11.44
C3' CCC A 88 -10.51 -14.54 13.45
O3' CCC A 88 -10.68 -15.94 13.58
C2' CCC A 88 -9.14 -14.18 12.88
O2' CCC A 88 -8.35 -15.35 12.65
C1' CCC A 88 -9.43 -13.56 11.51
N1 CCC A 88 -8.63 -12.37 11.28
C2 CCC A 88 -7.64 -12.39 10.38
O2 CCC A 88 -7.39 -13.39 9.73
N3 CCC A 88 -6.93 -11.28 10.20
C4 CCC A 88 -7.27 -10.23 10.95
N4 CCC A 88 -6.61 -9.09 10.83
C5 CCC A 88 -8.23 -10.33 11.77
C6 CCC A 88 -8.85 -11.34 11.91
PC CCC B 88 14.93 20.49 15.03
O1C CCC B 88 14.55 20.22 16.48
O2C CCC B 88 14.80 21.96 14.70
P CCC B 88 19.20 15.38 13.46
OP1 CCC B 88 20.36 15.86 14.32
OP2 CCC B 88 18.57 14.04 13.76
O5' CCC B 88 18.04 16.50 13.50
C5' CCC B 88 18.32 17.85 13.15
C4' CCC B 88 17.02 18.61 12.93
O4' CCC B 88 16.21 17.89 12.01
C3' CCC B 88 16.23 18.71 14.24
O3' CCC B 88 16.41 20.01 14.77
C2' CCC B 88 14.78 18.45 13.82
O2' CCC B 88 13.98 19.61 14.06
C1' CCC B 88 14.84 18.15 12.33
N1 CCC B 88 14.04 16.97 11.97
C2 CCC B 88 12.81 17.12 11.45
O2 CCC B 88 12.31 18.21 11.25
N3 CCC B 88 12.13 16.02 11.14
C4 CCC B 88 12.74 14.86 11.38
N4 CCC B 88 12.13 13.71 11.11
C5 CCC B 88 13.90 14.85 11.88
C6 CCC B 88 14.50 15.85 12.15
N GLY C . 3.98 -7.00 -14.86
CA GLY C . 4.02 -5.63 -14.27
C GLY C . 4.29 -4.55 -15.29
O GLY C . 4.39 -4.81 -16.50
OXT GLY C . 4.44 -3.39 -14.94
MN MN D . -14.04 -6.60 -8.93
MN MN E . -15.39 -6.98 -13.55
MN MN F . -10.73 -0.26 -20.92
MN MN G . 3.21 -5.20 -9.97
MN MN H . -11.78 -16.08 -44.06
MN MN I . 4.28 -0.21 -15.36
MN MN J . -14.18 -13.14 -36.42
MN MN K . -10.60 -10.84 -25.94
MN MN L . -1.22 -12.84 -24.32
MN MN M . -11.86 -7.49 -21.29
MN MN N . 20.89 -5.37 -5.60
MN MN O . 4.65 -11.79 -23.58
MN MN P . 37.13 3.22 3.02
MN MN Q . 0.16 4.45 -14.48
MN MN R . 45.86 3.53 5.44
MN MN S . 6.44 3.14 -21.72
MN MN T . -8.54 -3.11 5.62
MN MN U . -1.18 -7.64 6.33
MN MN V . 11.26 -6.54 -7.02
MG MG W . -3.23 -17.16 -31.07
MG MG X . -13.43 -18.38 -32.60
MG MG Y . -7.49 -3.49 1.85
MG MG Z . 26.97 1.68 -6.79
N GLY AA . -4.51 17.05 -11.35
CA GLY AA . -4.92 15.66 -11.00
C GLY AA . -5.21 14.80 -12.20
O GLY AA . -5.41 15.29 -13.32
OXT GLY AA . -5.26 13.58 -12.09
MN MN BA . 5.74 11.84 8.69
MN MN CA . 7.81 11.64 -22.10
MN MN DA . 9.00 20.06 -21.14
MN MN EA . 13.25 19.13 -14.07
MN MN FA . -3.48 14.29 -7.24
MN MN GA . -18.43 13.95 0.73
MN MN HA . 6.59 32.04 -34.35
MN MN IA . 5.50 37.66 -37.10
MN MN JA . 2.41 29.05 -24.09
MN MN KA . -6.97 23.41 -18.58
MN MN LA . 5.45 22.43 -26.80
MN MN MA . -5.70 10.59 -13.10
MN MN NA . -51.68 -3.95 -0.98
MG MG OA . -9.17 8.32 -19.53
MG MG PA . -41.78 1.98 6.63
MG MG QA . 7.03 11.34 -25.71
MG MG RA . -34.83 3.60 7.95
MG MG SA . -25.16 10.98 -0.41
MG MG TA . -10.30 15.55 -2.67
#